data_5CQH
#
_entry.id   5CQH
#
_cell.length_a   50.843
_cell.length_b   52.448
_cell.length_c   68.035
_cell.angle_alpha   90.00
_cell.angle_beta   90.00
_cell.angle_gamma   90.00
#
_symmetry.space_group_name_H-M   'P 21 21 21'
#
loop_
_entity.id
_entity.type
_entity.pdbx_description
1 polymer 'DNA dC-dU-editing enzyme APOBEC-3B'
2 non-polymer 'ZINC ION'
3 non-polymer "2'-DEOXYCYTIDINE-5'-MONOPHOSPHATE"
4 non-polymer 'CHLORIDE ION'
5 non-polymer 1,2-ETHANEDIOL
6 water water
#
_entity_poly.entity_id   1
_entity_poly.type   'polypeptide(L)'
_entity_poly.pdbx_seq_one_letter_code
;MEILRYLMDPDTFTSNFNNDPLVLRRRQTYLCYEVERLDNGTSVKMDQHMGFLCNESGRHAELRFLDLVPSLQLDPAQIY
RVTWFISWSPCFSWGCAGEVRAFLQENTHVRLRIKAARIYDYDPLYKEALQMLRDAGAQVSIMTYDEFEYCWDTFVYRQG
CPFQPWDGLEEHSQALSGRLRAILQL
;
_entity_poly.pdbx_strand_id   A
#
loop_
_chem_comp.id
_chem_comp.type
_chem_comp.name
_chem_comp.formula
CL non-polymer 'CHLORIDE ION' 'Cl -1'
DC DNA linking 2'-DEOXYCYTIDINE-5'-MONOPHOSPHATE 'C9 H14 N3 O7 P'
EDO non-polymer 1,2-ETHANEDIOL 'C2 H6 O2'
ZN non-polymer 'ZINC ION' 'Zn 2'
#
# COMPACT_ATOMS: atom_id res chain seq x y z
N LEU A 4 1.24 21.86 1.02
CA LEU A 4 1.75 21.49 2.33
C LEU A 4 2.32 20.06 2.33
N ARG A 5 1.45 19.06 2.28
CA ARG A 5 1.93 17.69 2.09
C ARG A 5 2.60 17.58 0.71
N TYR A 6 3.83 17.04 0.62
CA TYR A 6 4.63 17.07 -0.62
C TYR A 6 4.07 16.05 -1.63
N LEU A 7 3.85 16.42 -2.91
CA LEU A 7 3.13 15.52 -3.84
C LEU A 7 4.11 14.85 -4.80
N MET A 8 3.82 13.60 -5.10
CA MET A 8 4.66 12.77 -5.92
C MET A 8 4.79 13.22 -7.35
N ASP A 9 5.99 13.13 -7.94
CA ASP A 9 6.16 13.46 -9.34
C ASP A 9 5.27 12.53 -10.22
N PRO A 10 4.59 13.03 -11.23
CA PRO A 10 3.64 12.14 -11.94
C PRO A 10 4.33 11.02 -12.73
N ASP A 11 5.55 11.29 -13.20
CA ASP A 11 6.25 10.21 -13.93
C ASP A 11 6.72 9.08 -12.95
N THR A 12 7.08 9.45 -11.74
CA THR A 12 7.44 8.50 -10.71
C THR A 12 6.24 7.60 -10.35
N PHE A 13 5.08 8.24 -10.29
CA PHE A 13 3.88 7.47 -10.06
C PHE A 13 3.65 6.42 -11.18
N THR A 14 3.60 6.92 -12.40
CA THR A 14 3.28 6.07 -13.56
C THR A 14 4.27 4.93 -13.72
N SER A 15 5.55 5.24 -13.47
CA SER A 15 6.61 4.26 -13.61
C SER A 15 6.53 3.19 -12.53
N ASN A 16 6.13 3.61 -11.33
CA ASN A 16 6.16 2.64 -10.21
C ASN A 16 4.85 1.91 -9.98
N PHE A 17 3.73 2.47 -10.43
CA PHE A 17 2.48 1.76 -10.15
C PHE A 17 2.03 0.98 -11.39
N ASN A 18 2.77 1.07 -12.47
CA ASN A 18 2.43 0.28 -13.67
C ASN A 18 2.28 -1.18 -13.27
N ASN A 19 1.18 -1.85 -13.72
CA ASN A 19 0.98 -3.27 -13.32
C ASN A 19 1.23 -4.27 -14.44
N ASP A 20 1.94 -3.84 -15.49
CA ASP A 20 2.31 -4.77 -16.55
C ASP A 20 3.33 -5.76 -15.96
N PRO A 21 3.01 -7.06 -16.02
CA PRO A 21 3.85 -8.13 -15.45
C PRO A 21 5.24 -8.21 -16.07
N LEU A 22 5.44 -7.60 -17.25
CA LEU A 22 6.73 -7.74 -17.93
C LEU A 22 7.65 -6.55 -17.69
N VAL A 23 7.14 -5.51 -17.03
CA VAL A 23 8.00 -4.37 -16.73
C VAL A 23 8.92 -4.69 -15.53
N LEU A 24 10.21 -4.39 -15.64
CA LEU A 24 11.13 -4.68 -14.54
C LEU A 24 11.22 -3.41 -13.67
N ARG A 25 10.81 -3.52 -12.41
CA ARG A 25 10.80 -2.40 -11.52
C ARG A 25 10.97 -2.82 -10.05
N ARG A 26 11.69 -3.91 -9.84
CA ARG A 26 11.94 -4.40 -8.50
C ARG A 26 12.67 -3.43 -7.59
N ARG A 27 13.54 -2.59 -8.16
CA ARG A 27 14.46 -1.85 -7.29
C ARG A 27 13.82 -0.94 -6.27
N GLN A 28 12.62 -0.41 -6.54
CA GLN A 28 11.98 0.47 -5.57
C GLN A 28 10.57 0.01 -5.28
N THR A 29 10.05 0.50 -4.15
CA THR A 29 8.63 0.31 -3.76
C THR A 29 8.13 1.66 -3.33
N TYR A 30 6.96 2.06 -3.83
CA TYR A 30 6.35 3.30 -3.35
C TYR A 30 5.11 2.90 -2.55
N LEU A 31 4.93 3.56 -1.41
CA LEU A 31 3.84 3.20 -0.49
C LEU A 31 3.11 4.53 -0.18
N CYS A 32 1.88 4.68 -0.66
CA CYS A 32 1.10 5.91 -0.35
C CYS A 32 0.18 5.51 0.80
N TYR A 33 0.09 6.33 1.83
CA TYR A 33 -0.69 5.92 3.02
C TYR A 33 -1.65 7.00 3.44
N GLU A 34 -2.72 6.56 4.08
CA GLU A 34 -3.68 7.45 4.72
C GLU A 34 -4.22 6.73 5.92
N VAL A 35 -4.63 7.53 6.90
CA VAL A 35 -5.18 7.03 8.14
C VAL A 35 -6.54 7.66 8.37
N GLU A 36 -7.52 6.82 8.69
CA GLU A 36 -8.82 7.35 9.09
C GLU A 36 -9.06 7.06 10.56
N ARG A 37 -9.58 8.03 11.32
CA ARG A 37 -9.98 7.69 12.62
C ARG A 37 -11.48 7.37 12.53
N LEU A 38 -11.92 6.32 13.20
CA LEU A 38 -13.32 5.98 13.12
C LEU A 38 -13.98 6.42 14.42
N ASP A 39 -14.79 7.47 14.33
CA ASP A 39 -15.49 8.02 15.47
C ASP A 39 -16.96 7.58 15.40
N ASN A 40 -17.26 6.43 16.00
CA ASN A 40 -18.57 5.79 15.92
C ASN A 40 -19.25 5.86 14.56
N GLY A 41 -18.72 5.09 13.61
CA GLY A 41 -19.28 5.00 12.27
C GLY A 41 -18.86 6.13 11.36
N THR A 42 -18.34 7.19 11.95
CA THR A 42 -17.89 8.36 11.19
C THR A 42 -16.42 8.34 10.92
N SER A 43 -16.04 8.49 9.66
CA SER A 43 -14.65 8.50 9.32
C SER A 43 -14.06 9.92 9.35
N VAL A 44 -12.94 10.10 10.00
CA VAL A 44 -12.24 11.39 10.03
C VAL A 44 -10.90 11.18 9.38
N LYS A 45 -10.67 11.78 8.22
CA LYS A 45 -9.44 11.51 7.50
C LYS A 45 -8.75 12.84 7.29
N MET A 46 -7.61 13.01 7.96
CA MET A 46 -6.86 14.25 8.00
C MET A 46 -5.61 14.19 7.15
N ASP A 47 -5.32 15.32 6.49
CA ASP A 47 -4.18 15.34 5.61
C ASP A 47 -2.88 15.17 6.37
N GLN A 48 -2.83 15.51 7.67
CA GLN A 48 -1.55 15.31 8.39
C GLN A 48 -1.09 13.84 8.49
N HIS A 49 -2.00 12.91 8.27
CA HIS A 49 -1.77 11.49 8.35
C HIS A 49 -1.69 10.86 6.97
N MET A 50 -1.36 11.66 5.96
CA MET A 50 -1.30 11.14 4.58
C MET A 50 0.09 11.45 4.04
N GLY A 51 0.56 10.63 3.14
CA GLY A 51 1.90 10.85 2.58
C GLY A 51 2.32 9.64 1.78
N PHE A 52 3.57 9.69 1.32
CA PHE A 52 4.10 8.53 0.65
C PHE A 52 5.58 8.34 1.04
N LEU A 53 6.07 7.12 0.86
CA LEU A 53 7.44 6.72 1.23
C LEU A 53 7.94 5.77 0.16
N CYS A 54 9.27 5.77 -0.05
CA CYS A 54 9.85 4.66 -0.84
C CYS A 54 10.91 3.91 -0.02
N ASN A 55 11.60 2.92 -0.63
CA ASN A 55 12.73 2.29 0.12
C ASN A 55 13.87 3.25 0.28
N GLU A 56 14.56 3.23 1.42
N GLU A 56 14.56 3.19 1.42
CA GLU A 56 15.76 4.10 1.56
CA GLU A 56 15.70 4.09 1.68
C GLU A 56 16.78 3.35 2.41
C GLU A 56 16.78 3.30 2.42
N SER A 57 18.04 3.46 2.02
CA SER A 57 19.17 2.81 2.71
C SER A 57 18.94 1.32 2.92
N GLY A 58 18.36 0.68 1.91
CA GLY A 58 18.17 -0.76 1.90
C GLY A 58 16.96 -1.24 2.69
N ARG A 59 16.27 -0.28 3.28
CA ARG A 59 15.11 -0.59 4.11
C ARG A 59 13.83 -0.46 3.36
N HIS A 60 13.04 -1.55 3.29
CA HIS A 60 11.81 -1.50 2.47
C HIS A 60 10.81 -0.47 2.98
N ALA A 61 10.02 0.08 2.06
CA ALA A 61 9.07 1.11 2.44
C ALA A 61 8.09 0.72 3.54
N GLU A 62 7.62 -0.53 3.52
CA GLU A 62 6.75 -0.97 4.63
C GLU A 62 7.36 -0.84 6.00
N LEU A 63 8.64 -1.21 6.13
CA LEU A 63 9.29 -1.04 7.44
C LEU A 63 9.44 0.43 7.77
N ARG A 64 9.64 1.26 6.74
CA ARG A 64 9.79 2.67 6.99
C ARG A 64 8.46 3.29 7.39
N PHE A 65 7.34 2.71 6.94
CA PHE A 65 6.05 3.20 7.43
C PHE A 65 5.91 2.87 8.93
N LEU A 66 6.28 1.65 9.28
CA LEU A 66 6.23 1.28 10.72
C LEU A 66 7.12 2.18 11.55
N ASP A 67 8.29 2.59 11.00
CA ASP A 67 9.16 3.51 11.72
C ASP A 67 8.47 4.80 12.02
N LEU A 68 7.60 5.23 11.11
CA LEU A 68 7.04 6.57 11.35
C LEU A 68 5.70 6.57 12.12
N VAL A 69 5.19 5.40 12.51
CA VAL A 69 3.90 5.37 13.20
C VAL A 69 3.94 6.21 14.50
N PRO A 70 5.05 6.15 15.26
CA PRO A 70 5.02 6.99 16.46
C PRO A 70 4.79 8.48 16.14
N SER A 71 5.34 8.95 15.02
CA SER A 71 5.16 10.37 14.64
C SER A 71 3.70 10.71 14.28
N LEU A 72 2.88 9.72 13.89
CA LEU A 72 1.46 9.95 13.58
C LEU A 72 0.69 10.29 14.84
N GLN A 73 1.23 9.89 16.01
CA GLN A 73 0.58 10.17 17.28
C GLN A 73 -0.86 9.68 17.32
N LEU A 74 -1.02 8.38 17.07
CA LEU A 74 -2.35 7.78 17.17
C LEU A 74 -2.73 7.58 18.63
N ASP A 75 -3.93 8.01 18.99
CA ASP A 75 -4.41 7.85 20.36
C ASP A 75 -4.76 6.37 20.62
N PRO A 76 -4.17 5.75 21.65
CA PRO A 76 -4.53 4.35 21.86
C PRO A 76 -6.00 4.11 22.30
N ALA A 77 -6.71 5.17 22.68
CA ALA A 77 -8.13 5.01 23.08
C ALA A 77 -9.08 5.06 21.87
N GLN A 78 -8.51 5.29 20.68
CA GLN A 78 -9.30 5.51 19.47
C GLN A 78 -9.08 4.37 18.50
N ILE A 79 -9.94 4.25 17.49
CA ILE A 79 -9.86 3.21 16.48
C ILE A 79 -9.44 3.79 15.14
N TYR A 80 -8.51 3.16 14.45
CA TYR A 80 -7.98 3.73 13.20
C TYR A 80 -8.03 2.70 12.09
N ARG A 81 -8.26 3.13 10.87
CA ARG A 81 -7.98 2.27 9.73
C ARG A 81 -6.90 2.89 8.87
N VAL A 82 -5.79 2.17 8.66
CA VAL A 82 -4.73 2.65 7.83
C VAL A 82 -4.94 2.03 6.46
N THR A 83 -4.71 2.78 5.36
CA THR A 83 -4.73 2.14 4.01
C THR A 83 -3.40 2.40 3.38
N TRP A 84 -2.86 1.34 2.78
CA TRP A 84 -1.65 1.45 1.99
C TRP A 84 -2.02 1.24 0.52
N PHE A 85 -1.56 2.13 -0.37
CA PHE A 85 -1.54 1.82 -1.81
C PHE A 85 -0.11 1.61 -2.15
N ILE A 86 0.24 0.36 -2.46
CA ILE A 86 1.68 0.08 -2.47
C ILE A 86 2.05 -0.57 -3.80
N SER A 87 3.19 -0.17 -4.35
CA SER A 87 3.48 -0.63 -5.72
C SER A 87 3.87 -2.13 -5.80
N TRP A 88 4.30 -2.72 -4.69
CA TRP A 88 4.65 -4.15 -4.58
C TRP A 88 4.02 -4.70 -3.30
N SER A 89 3.44 -5.92 -3.33
CA SER A 89 2.93 -6.46 -2.09
C SER A 89 4.11 -6.74 -1.19
N PRO A 90 3.84 -6.81 0.12
CA PRO A 90 4.93 -7.00 1.09
C PRO A 90 5.62 -8.38 1.02
N CYS A 91 6.93 -8.35 1.30
CA CYS A 91 7.79 -9.55 1.34
C CYS A 91 7.70 -10.18 2.70
N PHE A 92 8.23 -11.41 2.75
CA PHE A 92 8.49 -12.12 4.02
C PHE A 92 9.99 -12.05 4.36
N SER A 93 10.87 -12.32 3.41
CA SER A 93 12.27 -12.67 3.76
C SER A 93 13.14 -11.50 4.25
N TRP A 94 12.71 -10.26 3.98
CA TRP A 94 13.44 -9.09 4.49
C TRP A 94 12.67 -8.46 5.66
N GLY A 95 11.63 -9.15 6.10
CA GLY A 95 11.03 -8.86 7.41
C GLY A 95 9.70 -8.14 7.37
N CYS A 96 9.24 -7.69 6.19
CA CYS A 96 8.11 -6.79 6.20
C CYS A 96 6.82 -7.48 6.76
N ALA A 97 6.46 -8.64 6.23
CA ALA A 97 5.19 -9.23 6.66
C ALA A 97 5.24 -9.55 8.14
N GLY A 98 6.39 -10.04 8.62
CA GLY A 98 6.44 -10.39 10.04
C GLY A 98 6.41 -9.16 10.95
N GLU A 99 7.10 -8.08 10.58
CA GLU A 99 6.98 -6.85 11.38
C GLU A 99 5.56 -6.27 11.32
N VAL A 100 4.94 -6.33 10.16
CA VAL A 100 3.57 -5.81 10.11
C VAL A 100 2.66 -6.64 10.97
N ARG A 101 2.84 -7.94 10.93
CA ARG A 101 2.02 -8.83 11.79
C ARG A 101 2.24 -8.49 13.27
N ALA A 102 3.49 -8.22 13.63
CA ALA A 102 3.76 -7.93 15.03
C ALA A 102 3.14 -6.61 15.40
N PHE A 103 3.26 -5.63 14.51
CA PHE A 103 2.59 -4.34 14.72
C PHE A 103 1.06 -4.51 14.95
N LEU A 104 0.40 -5.33 14.11
CA LEU A 104 -1.05 -5.45 14.21
C LEU A 104 -1.46 -6.19 15.46
N GLN A 105 -0.60 -7.10 15.87
CA GLN A 105 -0.89 -7.84 17.09
C GLN A 105 -0.76 -6.96 18.33
N GLU A 106 0.22 -6.03 18.33
CA GLU A 106 0.52 -5.13 19.45
C GLU A 106 -0.47 -3.94 19.53
N ASN A 107 -1.08 -3.60 18.39
CA ASN A 107 -1.93 -2.42 18.26
C ASN A 107 -3.27 -2.80 17.73
N THR A 108 -4.10 -3.35 18.61
CA THR A 108 -5.32 -3.94 18.13
C THR A 108 -6.34 -2.82 17.80
N HIS A 109 -5.98 -1.57 18.10
CA HIS A 109 -6.85 -0.43 17.78
C HIS A 109 -6.60 0.06 16.36
N VAL A 110 -5.69 -0.60 15.65
CA VAL A 110 -5.37 -0.22 14.28
C VAL A 110 -5.74 -1.36 13.33
N ARG A 111 -6.43 -1.05 12.26
CA ARG A 111 -6.71 -2.07 11.23
C ARG A 111 -5.99 -1.63 9.95
N LEU A 112 -5.58 -2.55 9.10
CA LEU A 112 -4.77 -2.20 7.92
C LEU A 112 -5.42 -2.76 6.65
N ARG A 113 -5.52 -1.95 5.60
CA ARG A 113 -5.96 -2.37 4.27
C ARG A 113 -4.77 -2.16 3.38
N ILE A 114 -4.38 -3.22 2.64
CA ILE A 114 -3.24 -3.09 1.72
C ILE A 114 -3.72 -3.30 0.30
N LYS A 115 -3.54 -2.32 -0.56
CA LYS A 115 -3.96 -2.47 -1.95
C LYS A 115 -2.66 -2.44 -2.75
N ALA A 116 -2.31 -3.53 -3.46
CA ALA A 116 -1.00 -3.62 -4.11
C ALA A 116 -1.11 -3.59 -5.61
N ALA A 117 -0.22 -2.88 -6.29
CA ALA A 117 -0.31 -2.79 -7.73
C ALA A 117 0.14 -4.10 -8.35
N ARG A 118 1.14 -4.75 -7.74
CA ARG A 118 1.71 -6.00 -8.29
C ARG A 118 2.11 -6.89 -7.13
N ILE A 119 2.35 -8.18 -7.41
CA ILE A 119 2.74 -9.12 -6.37
C ILE A 119 4.27 -9.28 -6.34
N TYR A 120 4.89 -9.11 -5.15
CA TYR A 120 6.36 -9.16 -5.06
C TYR A 120 6.76 -10.58 -5.01
N ASP A 121 6.86 -11.26 -6.16
CA ASP A 121 7.18 -12.70 -6.13
C ASP A 121 8.68 -13.04 -6.29
N TYR A 122 9.53 -12.05 -6.13
CA TYR A 122 10.97 -12.25 -6.07
C TYR A 122 11.34 -13.01 -4.78
N ASP A 123 10.45 -12.89 -3.79
CA ASP A 123 10.66 -13.58 -2.53
C ASP A 123 10.15 -15.01 -2.66
N PRO A 124 10.96 -16.04 -2.40
CA PRO A 124 10.45 -17.43 -2.44
C PRO A 124 9.25 -17.66 -1.49
N LEU A 125 9.16 -16.85 -0.43
CA LEU A 125 8.11 -17.03 0.56
C LEU A 125 7.03 -15.99 0.39
N TYR A 126 6.84 -15.48 -0.84
CA TYR A 126 5.84 -14.41 -1.03
C TYR A 126 4.43 -14.86 -0.67
N LYS A 127 4.07 -16.13 -0.93
CA LYS A 127 2.69 -16.53 -0.62
C LYS A 127 2.48 -16.54 0.90
N GLU A 128 3.49 -17.04 1.62
CA GLU A 128 3.42 -17.04 3.09
C GLU A 128 3.34 -15.64 3.63
N ALA A 129 4.07 -14.69 3.02
CA ALA A 129 3.85 -13.31 3.42
C ALA A 129 2.40 -12.82 3.34
N LEU A 130 1.77 -13.04 2.19
CA LEU A 130 0.42 -12.59 1.98
C LEU A 130 -0.51 -13.29 2.94
N GLN A 131 -0.30 -14.59 3.14
CA GLN A 131 -1.19 -15.35 4.05
C GLN A 131 -1.00 -14.88 5.48
N MET A 132 0.24 -14.62 5.86
CA MET A 132 0.51 -14.08 7.21
C MET A 132 -0.18 -12.72 7.48
N LEU A 133 -0.23 -11.87 6.47
CA LEU A 133 -0.89 -10.56 6.58
C LEU A 133 -2.38 -10.75 6.73
N ARG A 134 -2.95 -11.66 5.92
CA ARG A 134 -4.38 -11.95 5.98
C ARG A 134 -4.73 -12.42 7.36
N ASP A 135 -3.96 -13.39 7.85
CA ASP A 135 -4.30 -13.98 9.14
C ASP A 135 -4.11 -12.99 10.32
N ALA A 136 -3.30 -11.95 10.15
CA ALA A 136 -3.15 -10.94 11.20
C ALA A 136 -4.27 -9.89 11.14
N GLY A 137 -5.17 -10.08 10.17
CA GLY A 137 -6.32 -9.20 10.03
C GLY A 137 -6.16 -8.13 8.97
N ALA A 138 -5.07 -8.13 8.22
CA ALA A 138 -4.95 -7.12 7.13
C ALA A 138 -5.86 -7.55 5.95
N GLN A 139 -6.48 -6.56 5.28
CA GLN A 139 -7.32 -6.85 4.13
C GLN A 139 -6.41 -6.60 2.97
N VAL A 140 -6.03 -7.62 2.20
CA VAL A 140 -5.05 -7.41 1.13
C VAL A 140 -5.75 -7.60 -0.23
N SER A 141 -5.52 -6.68 -1.17
CA SER A 141 -6.20 -6.82 -2.46
C SER A 141 -5.29 -6.20 -3.54
N ILE A 142 -5.61 -6.44 -4.80
CA ILE A 142 -4.85 -5.84 -5.90
C ILE A 142 -5.53 -4.52 -6.35
N MET A 143 -4.74 -3.48 -6.59
CA MET A 143 -5.28 -2.21 -7.09
C MET A 143 -5.96 -2.38 -8.45
N THR A 144 -7.15 -1.75 -8.57
CA THR A 144 -7.91 -1.73 -9.81
C THR A 144 -7.90 -0.27 -10.34
N TYR A 145 -8.53 -0.04 -11.47
CA TYR A 145 -8.60 1.33 -12.01
C TYR A 145 -8.95 2.35 -10.90
N ASP A 146 -9.96 2.03 -10.08
CA ASP A 146 -10.52 2.96 -9.08
C ASP A 146 -9.39 3.39 -8.14
N GLU A 147 -8.64 2.41 -7.62
CA GLU A 147 -7.52 2.73 -6.73
C GLU A 147 -6.39 3.54 -7.42
N PHE A 148 -6.01 3.16 -8.63
CA PHE A 148 -4.99 3.94 -9.32
C PHE A 148 -5.45 5.40 -9.51
N GLU A 149 -6.73 5.59 -9.85
CA GLU A 149 -7.25 6.93 -10.05
C GLU A 149 -7.28 7.73 -8.74
N TYR A 150 -7.73 7.10 -7.67
CA TYR A 150 -7.71 7.72 -6.38
C TYR A 150 -6.29 8.17 -6.00
N CYS A 151 -5.29 7.31 -6.20
N CYS A 151 -5.31 7.29 -6.22
CA CYS A 151 -3.92 7.68 -5.84
CA CYS A 151 -3.91 7.58 -5.86
C CYS A 151 -3.38 8.83 -6.67
C CYS A 151 -3.36 8.75 -6.67
N TRP A 152 -3.64 8.77 -7.96
CA TRP A 152 -3.26 9.89 -8.83
C TRP A 152 -3.87 11.15 -8.28
N ASP A 153 -5.14 11.05 -7.96
CA ASP A 153 -5.84 12.24 -7.54
C ASP A 153 -5.41 12.76 -6.20
N THR A 154 -4.90 11.88 -5.36
CA THR A 154 -4.66 12.20 -3.96
C THR A 154 -3.17 12.46 -3.66
N PHE A 155 -2.28 11.69 -4.30
CA PHE A 155 -0.88 11.74 -3.84
C PHE A 155 0.03 12.33 -4.83
N VAL A 156 -0.49 12.59 -6.04
CA VAL A 156 0.40 13.00 -7.14
C VAL A 156 0.31 14.50 -7.44
N TYR A 157 1.45 15.07 -7.86
CA TYR A 157 1.49 16.46 -8.35
C TYR A 157 0.96 16.52 -9.79
N ARG A 158 -0.35 16.55 -9.92
CA ARG A 158 -1.02 16.36 -11.22
C ARG A 158 -1.50 17.66 -11.80
N GLN A 159 -1.53 18.72 -10.99
CA GLN A 159 -1.85 20.06 -11.41
C GLN A 159 -3.22 20.02 -12.02
N GLY A 160 -4.14 19.37 -11.31
CA GLY A 160 -5.49 19.27 -11.80
C GLY A 160 -5.75 18.40 -13.02
N CYS A 161 -4.73 17.74 -13.53
N CYS A 161 -4.70 17.78 -13.58
CA CYS A 161 -4.92 16.91 -14.71
CA CYS A 161 -4.84 16.88 -14.74
C CYS A 161 -5.42 15.51 -14.35
C CYS A 161 -5.51 15.57 -14.30
N PRO A 162 -6.32 14.96 -15.18
CA PRO A 162 -6.98 13.69 -14.87
C PRO A 162 -6.11 12.48 -15.05
N PHE A 163 -6.40 11.43 -14.30
CA PHE A 163 -5.69 10.15 -14.43
C PHE A 163 -5.81 9.62 -15.85
N GLN A 164 -4.70 9.21 -16.45
CA GLN A 164 -4.72 8.55 -17.75
C GLN A 164 -4.31 7.10 -17.65
N PRO A 165 -5.28 6.18 -17.63
CA PRO A 165 -4.97 4.74 -17.51
C PRO A 165 -4.08 4.25 -18.66
N TRP A 166 -3.03 3.52 -18.30
CA TRP A 166 -2.19 2.91 -19.31
C TRP A 166 -2.85 1.70 -19.98
N ASP A 167 -2.36 1.35 -21.15
CA ASP A 167 -2.85 0.18 -21.89
C ASP A 167 -2.80 -1.10 -21.03
N GLY A 168 -3.86 -1.90 -21.07
CA GLY A 168 -3.91 -3.13 -20.28
C GLY A 168 -4.14 -3.05 -18.78
N LEU A 169 -4.38 -1.86 -18.25
CA LEU A 169 -4.46 -1.68 -16.78
C LEU A 169 -5.47 -2.68 -16.23
N GLU A 170 -6.65 -2.71 -16.86
CA GLU A 170 -7.73 -3.56 -16.31
C GLU A 170 -7.39 -5.04 -16.44
N GLU A 171 -6.83 -5.41 -17.59
CA GLU A 171 -6.52 -6.80 -17.82
C GLU A 171 -5.48 -7.32 -16.86
N HIS A 172 -4.42 -6.54 -16.67
CA HIS A 172 -3.38 -6.93 -15.71
C HIS A 172 -3.91 -6.96 -14.31
N SER A 173 -4.72 -5.98 -13.94
CA SER A 173 -5.25 -5.96 -12.58
C SER A 173 -6.14 -7.22 -12.28
N GLN A 174 -6.98 -7.63 -13.23
CA GLN A 174 -7.88 -8.75 -12.98
C GLN A 174 -7.10 -10.05 -12.92
N ALA A 175 -6.08 -10.14 -13.77
CA ALA A 175 -5.17 -11.30 -13.74
C ALA A 175 -4.45 -11.42 -12.41
N LEU A 176 -3.88 -10.32 -11.95
CA LEU A 176 -3.18 -10.33 -10.64
C LEU A 176 -4.11 -10.61 -9.52
N SER A 177 -5.33 -10.07 -9.63
CA SER A 177 -6.33 -10.31 -8.58
C SER A 177 -6.71 -11.78 -8.48
N GLY A 178 -6.91 -12.45 -9.63
CA GLY A 178 -7.10 -13.89 -9.63
C GLY A 178 -5.98 -14.66 -8.93
N ARG A 179 -4.75 -14.23 -9.18
CA ARG A 179 -3.57 -14.91 -8.63
C ARG A 179 -3.54 -14.68 -7.12
N LEU A 180 -3.80 -13.44 -6.69
CA LEU A 180 -3.80 -13.15 -5.24
C LEU A 180 -4.96 -13.84 -4.53
N ARG A 181 -6.14 -13.84 -5.15
CA ARG A 181 -7.24 -14.50 -4.46
C ARG A 181 -6.99 -15.98 -4.38
N ALA A 182 -6.28 -16.55 -5.34
CA ALA A 182 -6.01 -17.99 -5.17
C ALA A 182 -5.02 -18.23 -4.03
N ILE A 183 -4.05 -17.34 -3.85
CA ILE A 183 -3.10 -17.45 -2.73
C ILE A 183 -3.83 -17.32 -1.39
N LEU A 184 -4.81 -16.43 -1.34
CA LEU A 184 -5.45 -16.12 -0.07
C LEU A 184 -6.75 -16.85 0.23
N GLN A 185 -7.13 -17.79 -0.64
CA GLN A 185 -8.40 -18.51 -0.55
C GLN A 185 -8.61 -19.11 0.80
N LEU A 186 -9.77 -18.86 1.39
CA LEU A 186 -10.11 -19.55 2.64
C LEU A 186 -11.53 -20.04 2.56
ZN ZN B . 9.93 -6.15 2.30
OP3 DC C . 5.03 -21.35 -7.96
P DC C . 5.54 -20.27 -7.06
OP1 DC C . 4.35 -19.63 -6.40
OP2 DC C . 6.54 -20.58 -6.02
O5' DC C . 6.20 -19.19 -8.02
C5' DC C . 7.47 -19.46 -8.67
C4' DC C . 7.80 -18.35 -9.67
O4' DC C . 6.73 -18.29 -10.66
C3' DC C . 7.88 -16.94 -9.05
O3' DC C . 8.91 -16.18 -9.69
C2' DC C . 6.49 -16.36 -9.34
C1' DC C . 6.16 -16.99 -10.69
N1 DC C . 4.67 -17.11 -10.96
C2 DC C . 4.09 -16.33 -11.99
O2 DC C . 4.81 -15.56 -12.66
N3 DC C . 2.75 -16.43 -12.22
C4 DC C . 2.00 -17.26 -11.48
N4 DC C . 0.69 -17.33 -11.77
C5 DC C . 2.57 -18.06 -10.43
C6 DC C . 3.89 -17.96 -10.21
CL CL D . -7.77 -8.79 -5.24
C1 EDO E . 13.71 -6.12 9.46
O1 EDO E . 14.45 -4.94 9.79
C2 EDO E . 13.75 -7.07 10.65
O2 EDO E . 13.29 -6.41 11.83
C1 EDO F . 8.00 -4.65 -1.25
O1 EDO F . 8.72 -3.44 -0.85
C2 EDO F . 8.69 -5.83 -0.55
O2 EDO F . 8.47 -5.79 0.89
C1 EDO G . 10.53 10.28 -2.25
O1 EDO G . 10.39 11.40 -3.15
C2 EDO G . 11.98 9.80 -2.13
O2 EDO G . 12.57 9.48 -3.40
C1 EDO H . -9.86 4.24 -3.23
O1 EDO H . -10.44 4.26 -1.93
C2 EDO H . -10.48 3.18 -4.11
O2 EDO H . -10.43 1.90 -3.47
#